data_6A5X
#
_entry.id   6A5X
#
_cell.length_a   160.350
_cell.length_b   160.350
_cell.length_c   160.350
_cell.angle_alpha   90.000
_cell.angle_beta   90.000
_cell.angle_gamma   90.000
#
_symmetry.space_group_name_H-M   'F 2 3'
#
loop_
_entity.id
_entity.type
_entity.pdbx_description
1 polymer 'Bile acid receptor'
2 polymer 'Nuclear receptor coactivator 1'
3 non-polymer 'SULFATE ION'
4 non-polymer '2-[(1R,5S)-9-[[3-[2,6-bis(chloranyl)phenyl]-5-cyclopropyl-1,2-oxazol-4-yl]methoxy]-3-azabicyclo[3.3.1]nonan-3-yl]-1,3-benzothiazole-6-carboxylic acid'
5 water water
#
loop_
_entity_poly.entity_id
_entity_poly.type
_entity_poly.pdbx_seq_one_letter_code
_entity_poly.pdbx_strand_id
1 'polypeptide(L)'
;ELTPDQQTLLHFIMDSYNKQRMPQEITNKILKEEFSAEENFLILTEMATNHVQVLVEFTKKLPGFQTLDHEDQIALLKGS
AVEAMFLRSAEIFNKKLPSGHSDLLEERIRNSGISDEYITPMFSFYKSIGELKMTQEEYALLTAIVILSPDRQYIKDREA
VEKLQEPLLDVLQKLCKIHQPENPQHFAELLGRLTELRTFNHHHAEMLMSWRVNDHKFTPLLEEIWDVQ
;
A
2 'polypeptide(L)' DHQLLRYLLDK B
#
loop_
_chem_comp.id
_chem_comp.type
_chem_comp.name
_chem_comp.formula
9R3 non-polymer '2-[(1R,5S)-9-[[3-[2,6-bis(chloranyl)phenyl]-5-cyclopropyl-1,2-oxazol-4-yl]methoxy]-3-azabicyclo[3.3.1]nonan-3-yl]-1,3-benzothiazole-6-carboxylic acid' 'C29 H27 Cl2 N3 O4 S'
SO4 non-polymer 'SULFATE ION' 'O4 S -2'
#
# COMPACT_ATOMS: atom_id res chain seq x y z
N GLU A 1 -11.08 -25.62 6.88
CA GLU A 1 -10.03 -26.27 6.04
C GLU A 1 -9.17 -25.20 5.38
N LEU A 2 -7.85 -25.33 5.52
CA LEU A 2 -6.90 -24.54 4.75
C LEU A 2 -5.94 -25.50 4.09
N THR A 3 -6.10 -25.67 2.77
CA THR A 3 -5.23 -26.47 1.93
C THR A 3 -3.74 -26.28 2.27
N PRO A 4 -2.94 -27.35 2.14
CA PRO A 4 -1.48 -27.23 2.36
C PRO A 4 -0.77 -26.23 1.42
N ASP A 5 -1.11 -26.30 0.13
CA ASP A 5 -0.73 -25.26 -0.87
C ASP A 5 -0.96 -23.84 -0.35
N GLN A 6 -2.14 -23.64 0.26
CA GLN A 6 -2.58 -22.35 0.74
C GLN A 6 -1.92 -21.95 2.06
N GLN A 7 -1.44 -22.93 2.84
CA GLN A 7 -0.75 -22.64 4.09
C GLN A 7 0.69 -22.17 3.83
N THR A 8 1.38 -22.89 2.95
CA THR A 8 2.74 -22.52 2.54
C THR A 8 2.72 -21.14 1.83
N LEU A 9 1.85 -21.04 0.84
CA LEU A 9 1.61 -19.79 0.12
C LEU A 9 1.47 -18.65 1.13
N LEU A 10 0.59 -18.86 2.10
CA LEU A 10 0.33 -17.85 3.13
C LEU A 10 1.57 -17.50 3.96
N HIS A 11 2.31 -18.51 4.42
CA HIS A 11 3.51 -18.25 5.24
C HIS A 11 4.58 -17.56 4.39
N PHE A 12 4.66 -17.95 3.12
CA PHE A 12 5.60 -17.35 2.20
C PHE A 12 5.36 -15.84 2.05
N ILE A 13 4.08 -15.45 1.99
CA ILE A 13 3.68 -14.05 1.91
C ILE A 13 4.00 -13.31 3.22
N MET A 14 3.80 -13.96 4.36
CA MET A 14 4.20 -13.37 5.64
C MET A 14 5.71 -13.14 5.70
N ASP A 15 6.47 -14.03 5.06
CA ASP A 15 7.92 -13.82 4.87
C ASP A 15 8.15 -12.50 4.20
N SER A 16 7.66 -12.35 2.97
CA SER A 16 7.83 -11.11 2.22
C SER A 16 7.35 -9.90 3.03
N TYR A 17 6.14 -9.97 3.58
CA TYR A 17 5.54 -8.85 4.30
C TYR A 17 6.34 -8.46 5.55
N ASN A 18 6.75 -9.44 6.36
CA ASN A 18 7.57 -9.15 7.54
C ASN A 18 8.96 -8.63 7.15
N LYS A 19 9.50 -9.18 6.07
CA LYS A 19 10.81 -8.77 5.55
C LYS A 19 10.83 -7.32 5.03
N GLN A 20 9.65 -6.68 4.93
CA GLN A 20 9.50 -5.38 4.30
C GLN A 20 9.85 -4.19 5.20
N ARG A 21 10.40 -4.41 6.39
CA ARG A 21 10.60 -3.31 7.32
C ARG A 21 11.60 -2.25 6.84
N MET A 22 11.30 -1.01 7.19
CA MET A 22 12.12 0.13 6.88
C MET A 22 12.95 0.41 8.08
N PRO A 23 14.18 0.84 7.88
CA PRO A 23 15.05 0.96 9.03
C PRO A 23 14.59 2.01 10.04
N GLN A 24 14.93 1.72 11.27
CA GLN A 24 14.57 2.50 12.40
C GLN A 24 15.18 3.91 12.28
N GLU A 25 16.39 4.02 11.72
CA GLU A 25 17.05 5.30 11.72
C GLU A 25 16.22 6.27 10.87
N ILE A 26 15.60 5.73 9.82
CA ILE A 26 14.67 6.49 8.97
C ILE A 26 13.34 6.80 9.66
N THR A 27 12.69 5.78 10.21
CA THR A 27 11.36 6.00 10.76
C THR A 27 11.41 6.78 12.06
N ASN A 28 12.57 6.77 12.77
CA ASN A 28 12.76 7.61 13.95
C ASN A 28 12.57 9.09 13.63
N LYS A 29 12.78 9.49 12.37
CA LYS A 29 12.57 10.90 11.98
C LYS A 29 11.14 11.36 12.15
N ILE A 30 10.17 10.44 12.07
CA ILE A 30 8.78 10.81 12.34
C ILE A 30 8.67 11.49 13.74
N LEU A 31 9.28 10.91 14.73
CA LEU A 31 9.25 11.45 16.12
C LEU A 31 10.27 12.55 16.38
N LYS A 32 11.43 12.45 15.74
CA LYS A 32 12.60 13.22 16.12
C LYS A 32 12.67 14.69 15.57
N GLU A 33 12.14 14.93 14.37
CA GLU A 33 12.37 16.18 13.68
C GLU A 33 11.41 17.26 14.11
N GLU A 34 11.76 18.49 13.81
CA GLU A 34 10.87 19.58 14.08
C GLU A 34 9.54 19.37 13.33
N PHE A 35 8.47 19.89 13.91
CA PHE A 35 7.16 19.90 13.36
C PHE A 35 6.97 21.29 12.80
N SER A 36 7.15 21.39 11.48
CA SER A 36 6.66 22.53 10.73
C SER A 36 6.11 21.94 9.43
N ALA A 37 5.25 22.68 8.76
CA ALA A 37 4.70 22.27 7.49
C ALA A 37 5.75 21.79 6.51
N GLU A 38 6.86 22.51 6.39
CA GLU A 38 7.93 22.09 5.43
C GLU A 38 8.66 20.80 5.85
N GLU A 39 9.03 20.68 7.10
CA GLU A 39 9.68 19.46 7.58
C GLU A 39 8.72 18.27 7.56
N ASN A 40 7.45 18.51 7.84
CA ASN A 40 6.40 17.47 7.79
C ASN A 40 6.28 16.88 6.40
N PHE A 41 6.22 17.73 5.40
CA PHE A 41 6.23 17.27 4.01
C PHE A 41 7.51 16.55 3.65
N LEU A 42 8.65 17.11 3.99
CA LEU A 42 9.93 16.45 3.72
C LEU A 42 9.98 15.02 4.22
N ILE A 43 9.51 14.82 5.44
CA ILE A 43 9.52 13.53 6.09
C ILE A 43 8.51 12.58 5.50
N LEU A 44 7.33 13.08 5.15
CA LEU A 44 6.37 12.24 4.45
C LEU A 44 6.96 11.76 3.11
N THR A 45 7.63 12.68 2.40
CA THR A 45 8.34 12.36 1.15
C THR A 45 9.41 11.26 1.30
N GLU A 46 10.10 11.30 2.41
CA GLU A 46 11.15 10.36 2.67
C GLU A 46 10.64 9.02 3.10
N MET A 47 9.58 8.98 3.90
CA MET A 47 8.98 7.71 4.29
C MET A 47 8.40 7.06 3.07
N ALA A 48 7.82 7.86 2.20
CA ALA A 48 7.20 7.38 0.96
C ALA A 48 8.23 6.83 -0.04
N THR A 49 9.37 7.50 -0.27
CA THR A 49 10.32 6.99 -1.28
C THR A 49 10.85 5.70 -0.76
N ASN A 50 11.12 5.66 0.54
CA ASN A 50 11.63 4.44 1.15
C ASN A 50 10.63 3.36 1.08
N HIS A 51 9.36 3.71 1.31
CA HIS A 51 8.32 2.72 1.32
C HIS A 51 8.14 2.09 -0.06
N VAL A 52 8.19 2.90 -1.12
CA VAL A 52 8.05 2.42 -2.50
C VAL A 52 9.07 1.33 -2.82
N GLN A 53 10.29 1.50 -2.33
CA GLN A 53 11.34 0.50 -2.56
C GLN A 53 10.98 -0.83 -1.93
N VAL A 54 10.58 -0.74 -0.67
CA VAL A 54 10.08 -1.89 0.07
C VAL A 54 8.94 -2.55 -0.66
N LEU A 55 8.04 -1.74 -1.21
CA LEU A 55 6.91 -2.19 -1.98
C LEU A 55 7.33 -3.06 -3.14
N VAL A 56 8.24 -2.53 -3.93
CA VAL A 56 8.78 -3.22 -5.10
C VAL A 56 9.37 -4.60 -4.68
N GLU A 57 10.21 -4.60 -3.65
CA GLU A 57 10.82 -5.81 -3.15
C GLU A 57 9.80 -6.83 -2.65
N PHE A 58 8.68 -6.36 -2.13
CA PHE A 58 7.60 -7.24 -1.70
C PHE A 58 6.90 -7.79 -2.97
N THR A 59 6.59 -6.90 -3.90
CA THR A 59 5.89 -7.29 -5.11
C THR A 59 6.68 -8.30 -5.89
N LYS A 60 7.99 -8.08 -5.97
CA LYS A 60 8.92 -8.99 -6.69
C LYS A 60 8.79 -10.46 -6.26
N LYS A 61 8.67 -10.66 -4.95
CA LYS A 61 8.56 -11.98 -4.37
C LYS A 61 7.19 -12.62 -4.58
N LEU A 62 6.16 -11.81 -4.88
CA LEU A 62 4.83 -12.37 -5.12
C LEU A 62 4.88 -13.46 -6.19
N PRO A 63 4.41 -14.67 -5.83
CA PRO A 63 4.63 -15.79 -6.74
C PRO A 63 4.05 -15.53 -8.13
N GLY A 64 4.92 -15.69 -9.13
CA GLY A 64 4.57 -15.55 -10.54
C GLY A 64 4.68 -14.14 -11.09
N PHE A 65 4.95 -13.16 -10.22
CA PHE A 65 5.21 -11.79 -10.64
C PHE A 65 6.45 -11.71 -11.53
N GLN A 66 7.53 -12.34 -11.07
CA GLN A 66 8.82 -12.31 -11.76
C GLN A 66 8.70 -12.91 -13.18
N THR A 67 7.71 -13.77 -13.40
CA THR A 67 7.39 -14.32 -14.73
C THR A 67 6.11 -13.69 -15.34
N LEU A 68 5.98 -12.37 -15.25
CA LEU A 68 4.93 -11.63 -15.95
C LEU A 68 5.55 -10.79 -17.05
N ASP A 69 4.71 -10.35 -17.98
CA ASP A 69 5.13 -9.39 -18.99
C ASP A 69 5.73 -8.12 -18.35
N HIS A 70 6.95 -7.75 -18.77
CA HIS A 70 7.68 -6.61 -18.20
C HIS A 70 6.83 -5.33 -18.21
N GLU A 71 6.22 -5.03 -19.35
CA GLU A 71 5.36 -3.87 -19.49
C GLU A 71 4.17 -3.87 -18.49
N ASP A 72 3.64 -5.06 -18.21
CA ASP A 72 2.57 -5.23 -17.21
C ASP A 72 3.09 -5.11 -15.78
N GLN A 73 4.30 -5.63 -15.55
CA GLN A 73 4.96 -5.51 -14.26
C GLN A 73 4.99 -4.05 -13.77
N ILE A 74 5.26 -3.13 -14.70
CA ILE A 74 5.27 -1.72 -14.41
C ILE A 74 3.86 -1.17 -14.27
N ALA A 75 2.96 -1.57 -15.17
CA ALA A 75 1.57 -1.11 -15.12
C ALA A 75 0.92 -1.40 -13.75
N LEU A 76 1.31 -2.50 -13.13
CA LEU A 76 0.76 -2.87 -11.82
C LEU A 76 1.27 -2.00 -10.65
N LEU A 77 2.58 -1.75 -10.63
CA LEU A 77 3.23 -0.93 -9.61
C LEU A 77 2.69 0.47 -9.64
N LYS A 78 2.68 1.07 -10.79
CA LYS A 78 2.07 2.41 -10.92
C LYS A 78 0.59 2.38 -10.62
N GLY A 79 -0.08 1.31 -11.01
CA GLY A 79 -1.51 1.19 -10.76
C GLY A 79 -1.86 1.05 -9.29
N SER A 80 -1.06 0.33 -8.54
CA SER A 80 -1.38 0.00 -7.16
C SER A 80 -0.63 0.81 -6.09
N ALA A 81 0.37 1.59 -6.47
CA ALA A 81 1.22 2.26 -5.48
C ALA A 81 0.42 3.05 -4.40
N VAL A 82 -0.51 3.89 -4.82
CA VAL A 82 -1.31 4.68 -3.86
C VAL A 82 -2.14 3.80 -2.93
N GLU A 83 -2.93 2.89 -3.49
CA GLU A 83 -3.81 2.03 -2.71
C GLU A 83 -3.00 1.24 -1.72
N ALA A 84 -1.90 0.68 -2.16
CA ALA A 84 -1.02 -0.08 -1.28
C ALA A 84 -0.43 0.79 -0.18
N MET A 85 -0.05 2.02 -0.53
CA MET A 85 0.52 2.96 0.46
C MET A 85 -0.51 3.36 1.49
N PHE A 86 -1.75 3.58 1.05
CA PHE A 86 -2.84 3.88 2.00
C PHE A 86 -3.16 2.72 2.94
N LEU A 87 -3.03 1.48 2.49
CA LEU A 87 -3.24 0.34 3.37
C LEU A 87 -2.14 0.22 4.40
N ARG A 88 -0.90 0.47 3.98
CA ARG A 88 0.21 0.39 4.93
C ARG A 88 0.03 1.39 6.10
N SER A 89 -0.36 2.63 5.78
CA SER A 89 -0.62 3.61 6.78
C SER A 89 -1.85 3.26 7.63
N ALA A 90 -2.88 2.71 7.01
CA ALA A 90 -4.03 2.17 7.76
C ALA A 90 -3.61 1.17 8.82
N GLU A 91 -2.75 0.25 8.44
CA GLU A 91 -2.21 -0.71 9.39
C GLU A 91 -1.45 0.01 10.52
N ILE A 92 -0.60 0.99 10.18
CA ILE A 92 0.11 1.79 11.20
C ILE A 92 -0.84 2.45 12.20
N PHE A 93 -1.80 3.20 11.70
CA PHE A 93 -2.77 3.86 12.58
C PHE A 93 -3.63 2.90 13.42
N ASN A 94 -4.09 1.81 12.80
CA ASN A 94 -4.98 0.86 13.49
C ASN A 94 -4.23 -0.08 14.44
N LYS A 95 -3.05 -0.53 14.04
CA LYS A 95 -2.30 -1.49 14.87
C LYS A 95 -1.33 -0.75 15.79
N LYS A 96 -1.22 0.56 15.63
CA LYS A 96 -0.29 1.34 16.44
C LYS A 96 1.12 0.72 16.44
N LEU A 97 1.69 0.54 15.24
CA LEU A 97 3.07 0.03 15.15
C LEU A 97 3.99 1.02 15.83
N PRO A 98 4.78 0.56 16.80
CA PRO A 98 5.73 1.45 17.48
C PRO A 98 6.53 2.31 16.51
N SER A 99 7.13 1.63 15.55
CA SER A 99 8.01 2.30 14.60
C SER A 99 7.29 3.21 13.58
N GLY A 100 5.98 3.07 13.49
CA GLY A 100 5.19 4.00 12.75
C GLY A 100 4.91 5.31 13.48
N HIS A 101 4.95 5.33 14.81
CA HIS A 101 4.81 6.58 15.58
C HIS A 101 3.52 7.30 15.16
N SER A 102 2.41 6.59 15.27
CA SER A 102 1.18 7.02 14.60
C SER A 102 0.69 8.41 14.96
N ASP A 103 0.64 8.72 16.26
CA ASP A 103 0.17 10.07 16.68
C ASP A 103 0.95 11.21 16.03
N LEU A 104 2.27 11.06 15.93
CA LEU A 104 3.13 12.06 15.37
C LEU A 104 3.04 12.03 13.88
N LEU A 105 2.83 10.83 13.34
CA LEU A 105 2.62 10.67 11.90
C LEU A 105 1.32 11.42 11.51
N GLU A 106 0.27 11.27 12.29
CA GLU A 106 -0.95 12.05 12.05
C GLU A 106 -0.77 13.53 12.13
N GLU A 107 -0.04 13.98 13.14
CA GLU A 107 0.35 15.39 13.22
C GLU A 107 1.05 15.88 11.93
N ARG A 108 2.03 15.11 11.43
CA ARG A 108 2.71 15.48 10.17
C ARG A 108 1.82 15.49 8.92
N ILE A 109 0.90 14.54 8.82
CA ILE A 109 0.01 14.46 7.68
C ILE A 109 -0.94 15.62 7.74
N ARG A 110 -1.37 15.96 8.94
CA ARG A 110 -2.31 17.09 9.13
C ARG A 110 -1.73 18.48 8.93
N ASN A 111 -0.39 18.59 8.83
CA ASN A 111 0.23 19.86 8.50
C ASN A 111 1.38 19.66 7.50
N SER A 112 0.99 19.20 6.32
CA SER A 112 1.89 19.03 5.21
C SER A 112 1.35 19.64 3.91
N GLY A 113 0.36 20.52 4.00
CA GLY A 113 -0.21 21.18 2.82
C GLY A 113 -1.30 20.39 2.09
N ILE A 114 -1.98 19.46 2.77
CA ILE A 114 -3.08 18.70 2.19
C ILE A 114 -4.42 19.38 2.57
N SER A 115 -5.30 19.50 1.59
CA SER A 115 -6.59 20.14 1.79
C SER A 115 -7.44 19.32 2.75
N ASP A 116 -8.31 20.00 3.48
CA ASP A 116 -9.25 19.37 4.42
C ASP A 116 -10.16 18.40 3.69
N GLU A 117 -10.68 18.83 2.54
CA GLU A 117 -11.32 17.93 1.56
C GLU A 117 -10.79 16.49 1.59
N TYR A 118 -9.47 16.33 1.62
CA TYR A 118 -8.81 15.01 1.61
C TYR A 118 -8.51 14.43 2.98
N ILE A 119 -8.21 15.29 3.95
CA ILE A 119 -7.84 14.84 5.29
C ILE A 119 -9.02 14.14 5.95
N THR A 120 -10.16 14.80 5.93
CA THR A 120 -11.39 14.25 6.52
C THR A 120 -11.66 12.81 6.05
N PRO A 121 -11.87 12.59 4.74
CA PRO A 121 -12.11 11.21 4.28
C PRO A 121 -10.97 10.23 4.53
N MET A 122 -9.73 10.71 4.41
CA MET A 122 -8.55 9.86 4.69
C MET A 122 -8.64 9.25 6.07
N PHE A 123 -8.96 10.07 7.06
CA PHE A 123 -9.06 9.58 8.44
C PHE A 123 -10.37 8.83 8.74
N SER A 124 -11.46 9.21 8.05
CA SER A 124 -12.63 8.34 8.08
C SER A 124 -12.24 6.95 7.61
N PHE A 125 -11.54 6.84 6.47
CA PHE A 125 -11.17 5.52 5.98
C PHE A 125 -10.37 4.72 7.04
N TYR A 126 -9.33 5.33 7.63
CA TYR A 126 -8.50 4.66 8.63
C TYR A 126 -9.29 4.14 9.79
N LYS A 127 -10.26 4.93 10.22
CA LYS A 127 -11.14 4.54 11.32
C LYS A 127 -11.97 3.29 10.96
N SER A 128 -12.58 3.31 9.77
CA SER A 128 -13.40 2.19 9.30
C SER A 128 -12.58 0.93 9.16
N ILE A 129 -11.43 1.05 8.47
CA ILE A 129 -10.49 -0.08 8.39
C ILE A 129 -10.20 -0.71 9.73
N GLY A 130 -9.83 0.11 10.72
CA GLY A 130 -9.52 -0.41 12.06
C GLY A 130 -10.67 -1.25 12.60
N GLU A 131 -11.89 -0.73 12.44
CA GLU A 131 -13.09 -1.41 12.93
C GLU A 131 -13.27 -2.84 12.39
N LEU A 132 -12.72 -3.15 11.22
CA LEU A 132 -12.66 -4.56 10.75
C LEU A 132 -11.77 -5.46 11.61
N LYS A 133 -10.95 -4.89 12.47
CA LYS A 133 -10.15 -5.69 13.38
C LYS A 133 -9.36 -6.74 12.62
N MET A 134 -8.74 -6.36 11.49
CA MET A 134 -8.01 -7.30 10.63
C MET A 134 -6.71 -7.73 11.27
N THR A 135 -6.33 -8.98 11.02
CA THR A 135 -5.05 -9.50 11.44
C THR A 135 -3.95 -8.98 10.51
N GLN A 136 -2.69 -9.25 10.86
CA GLN A 136 -1.57 -8.91 9.99
C GLN A 136 -1.57 -9.72 8.70
N GLU A 137 -2.13 -10.92 8.78
CA GLU A 137 -2.22 -11.78 7.62
C GLU A 137 -3.19 -11.23 6.60
N GLU A 138 -4.22 -10.55 7.08
CA GLU A 138 -5.21 -9.96 6.19
C GLU A 138 -4.69 -8.68 5.51
N TYR A 139 -4.11 -7.77 6.29
CA TYR A 139 -3.43 -6.61 5.74
C TYR A 139 -2.48 -7.05 4.61
N ALA A 140 -1.70 -8.09 4.92
CA ALA A 140 -0.73 -8.62 3.96
C ALA A 140 -1.32 -9.16 2.67
N LEU A 141 -2.39 -9.93 2.79
CA LEU A 141 -3.06 -10.50 1.60
C LEU A 141 -3.75 -9.44 0.78
N LEU A 142 -4.50 -8.56 1.43
CA LEU A 142 -5.08 -7.37 0.75
C LEU A 142 -4.07 -6.54 -0.04
N THR A 143 -2.89 -6.37 0.50
CA THR A 143 -1.85 -5.64 -0.20
C THR A 143 -1.43 -6.42 -1.40
N ALA A 144 -1.26 -7.71 -1.22
CA ALA A 144 -0.91 -8.57 -2.34
C ALA A 144 -1.98 -8.56 -3.43
N ILE A 145 -3.25 -8.65 -3.04
CA ILE A 145 -4.32 -8.70 -4.03
C ILE A 145 -4.57 -7.34 -4.67
N VAL A 146 -4.25 -6.27 -3.94
CA VAL A 146 -4.30 -4.90 -4.52
C VAL A 146 -3.21 -4.66 -5.60
N ILE A 147 -2.00 -5.13 -5.32
CA ILE A 147 -0.90 -4.97 -6.23
C ILE A 147 -1.18 -5.72 -7.52
N LEU A 148 -1.77 -6.92 -7.38
CA LEU A 148 -2.11 -7.79 -8.51
C LEU A 148 -3.54 -7.59 -8.96
N SER A 149 -4.02 -6.34 -9.00
CA SER A 149 -5.32 -6.04 -9.62
C SER A 149 -5.21 -6.17 -11.14
N PRO A 150 -6.09 -6.97 -11.77
CA PRO A 150 -6.07 -7.05 -13.23
C PRO A 150 -6.85 -5.91 -13.91
N ASP A 151 -7.46 -4.99 -13.17
CA ASP A 151 -8.28 -3.92 -13.79
C ASP A 151 -7.54 -2.62 -13.98
N ARG A 152 -6.23 -2.61 -13.67
CA ARG A 152 -5.41 -1.42 -13.83
C ARG A 152 -5.25 -1.04 -15.30
N GLN A 153 -5.17 0.26 -15.57
CA GLN A 153 -4.87 0.79 -16.91
C GLN A 153 -3.57 0.23 -17.50
N TYR A 154 -3.60 -0.09 -18.80
CA TYR A 154 -2.41 -0.50 -19.60
C TYR A 154 -1.93 -1.93 -19.42
N ILE A 155 -2.68 -2.77 -18.69
CA ILE A 155 -2.33 -4.20 -18.61
C ILE A 155 -2.72 -4.87 -19.93
N LYS A 156 -1.83 -5.72 -20.43
CA LYS A 156 -2.00 -6.42 -21.73
C LYS A 156 -2.69 -7.74 -21.48
N ASP A 157 -2.04 -8.57 -20.68
CA ASP A 157 -2.55 -9.89 -20.35
C ASP A 157 -3.25 -9.87 -18.98
N ARG A 158 -4.48 -9.38 -19.00
CA ARG A 158 -5.34 -9.37 -17.82
C ARG A 158 -5.47 -10.72 -17.12
N GLU A 159 -5.79 -11.76 -17.90
CA GLU A 159 -6.07 -13.10 -17.35
C GLU A 159 -4.86 -13.67 -16.62
N ALA A 160 -3.67 -13.33 -17.08
CA ALA A 160 -2.43 -13.78 -16.43
C ALA A 160 -2.25 -13.17 -15.01
N VAL A 161 -2.83 -12.00 -14.79
CA VAL A 161 -2.86 -11.39 -13.46
C VAL A 161 -3.95 -12.02 -12.61
N GLU A 162 -5.17 -12.18 -13.17
CA GLU A 162 -6.26 -12.92 -12.49
C GLU A 162 -5.74 -14.20 -11.85
N LYS A 163 -5.04 -15.00 -12.65
CA LYS A 163 -4.46 -16.29 -12.19
C LYS A 163 -3.55 -16.17 -10.96
N LEU A 164 -2.74 -15.11 -10.94
CA LEU A 164 -1.88 -14.81 -9.78
C LEU A 164 -2.69 -14.29 -8.58
N GLN A 165 -3.77 -13.52 -8.85
CA GLN A 165 -4.67 -12.92 -7.84
C GLN A 165 -5.69 -13.88 -7.22
N GLU A 166 -6.41 -14.64 -8.06
CA GLU A 166 -7.53 -15.50 -7.59
C GLU A 166 -7.19 -16.39 -6.36
N PRO A 167 -6.05 -17.10 -6.39
CA PRO A 167 -5.62 -17.86 -5.21
C PRO A 167 -5.56 -17.04 -3.91
N LEU A 168 -5.03 -15.81 -3.98
CA LEU A 168 -4.91 -14.96 -2.80
C LEU A 168 -6.27 -14.51 -2.24
N LEU A 169 -7.17 -14.13 -3.15
CA LEU A 169 -8.57 -13.90 -2.77
C LEU A 169 -9.16 -15.15 -2.08
N ASP A 170 -8.90 -16.33 -2.64
CA ASP A 170 -9.37 -17.58 -2.04
C ASP A 170 -8.84 -17.75 -0.63
N VAL A 171 -7.54 -17.58 -0.45
CA VAL A 171 -6.93 -17.70 0.88
C VAL A 171 -7.51 -16.68 1.89
N LEU A 172 -7.71 -15.46 1.43
CA LEU A 172 -8.29 -14.41 2.29
C LEU A 172 -9.73 -14.77 2.64
N GLN A 173 -10.51 -15.11 1.60
CA GLN A 173 -11.87 -15.67 1.72
C GLN A 173 -11.96 -16.66 2.90
N LYS A 174 -11.08 -17.64 2.89
CA LYS A 174 -11.01 -18.65 3.95
C LYS A 174 -10.69 -18.04 5.32
N LEU A 175 -9.54 -17.39 5.45
CA LEU A 175 -9.17 -16.65 6.67
C LEU A 175 -10.34 -15.87 7.29
N CYS A 176 -11.26 -15.40 6.45
CA CYS A 176 -12.39 -14.62 6.94
C CYS A 176 -13.48 -15.46 7.60
N LYS A 177 -13.67 -16.68 7.12
CA LYS A 177 -14.43 -17.67 7.88
C LYS A 177 -13.62 -18.09 9.11
N ILE A 178 -12.41 -18.59 8.86
CA ILE A 178 -11.64 -19.33 9.85
C ILE A 178 -11.23 -18.47 11.06
N HIS A 179 -10.94 -17.20 10.83
CA HIS A 179 -10.54 -16.29 11.90
C HIS A 179 -11.70 -15.37 12.30
N GLN A 180 -12.92 -15.63 11.83
CA GLN A 180 -14.10 -14.84 12.23
C GLN A 180 -15.44 -15.49 11.76
N PRO A 181 -15.78 -16.66 12.32
CA PRO A 181 -17.07 -17.28 11.99
C PRO A 181 -18.24 -16.53 12.61
N GLU A 182 -17.97 -15.78 13.69
CA GLU A 182 -18.94 -14.87 14.33
C GLU A 182 -19.65 -14.02 13.29
N ASN A 183 -18.92 -13.11 12.66
CA ASN A 183 -19.45 -12.22 11.60
C ASN A 183 -19.29 -12.89 10.23
N PRO A 184 -20.42 -13.18 9.55
CA PRO A 184 -20.33 -13.85 8.25
C PRO A 184 -19.79 -12.94 7.16
N GLN A 185 -20.36 -11.74 7.03
CA GLN A 185 -20.08 -10.84 5.91
C GLN A 185 -18.69 -10.12 5.97
N HIS A 186 -17.76 -10.66 6.76
CA HIS A 186 -16.45 -10.05 6.96
C HIS A 186 -15.66 -9.89 5.66
N PHE A 187 -15.53 -10.97 4.88
CA PHE A 187 -14.81 -10.93 3.60
C PHE A 187 -15.40 -9.91 2.65
N ALA A 188 -16.71 -9.83 2.63
CA ALA A 188 -17.38 -8.89 1.76
C ALA A 188 -17.16 -7.46 2.25
N GLU A 189 -17.11 -7.27 3.57
CA GLU A 189 -16.77 -5.96 4.14
C GLU A 189 -15.38 -5.49 3.68
N LEU A 190 -14.40 -6.39 3.74
CA LEU A 190 -13.07 -6.11 3.26
C LEU A 190 -13.10 -5.59 1.83
N LEU A 191 -13.70 -6.36 0.93
CA LEU A 191 -13.79 -5.98 -0.48
C LEU A 191 -14.49 -4.63 -0.70
N GLY A 192 -15.53 -4.34 0.06
CA GLY A 192 -16.15 -3.03 -0.03
C GLY A 192 -15.16 -1.91 0.34
N ARG A 193 -14.37 -2.12 1.40
CA ARG A 193 -13.36 -1.16 1.81
C ARG A 193 -12.32 -1.00 0.73
N LEU A 194 -12.07 -2.05 -0.05
CA LEU A 194 -11.18 -1.92 -1.21
C LEU A 194 -11.72 -0.93 -2.21
N THR A 195 -13.00 -1.06 -2.54
CA THR A 195 -13.64 -0.08 -3.41
C THR A 195 -13.43 1.33 -2.86
N GLU A 196 -13.67 1.50 -1.57
CA GLU A 196 -13.51 2.79 -0.89
C GLU A 196 -12.07 3.31 -1.04
N LEU A 197 -11.12 2.41 -0.89
CA LEU A 197 -9.73 2.71 -1.10
C LEU A 197 -9.40 3.16 -2.51
N ARG A 198 -10.14 2.66 -3.48
CA ARG A 198 -9.93 3.04 -4.87
C ARG A 198 -10.17 4.53 -5.06
N THR A 199 -11.10 5.10 -4.31
CA THR A 199 -11.44 6.50 -4.48
C THR A 199 -10.28 7.42 -4.14
N PHE A 200 -9.36 6.95 -3.30
CA PHE A 200 -8.22 7.79 -2.96
C PHE A 200 -7.22 7.99 -4.09
N ASN A 201 -7.29 7.20 -5.16
CA ASN A 201 -6.47 7.45 -6.37
C ASN A 201 -6.72 8.85 -6.92
N HIS A 202 -7.98 9.28 -7.03
CA HIS A 202 -8.27 10.63 -7.55
C HIS A 202 -7.85 11.73 -6.56
N HIS A 203 -8.22 11.57 -5.30
CA HIS A 203 -7.73 12.51 -4.29
C HIS A 203 -6.21 12.71 -4.35
N HIS A 204 -5.47 11.62 -4.56
CA HIS A 204 -4.03 11.68 -4.48
C HIS A 204 -3.45 12.46 -5.66
N ALA A 205 -4.08 12.35 -6.81
CA ALA A 205 -3.64 13.11 -7.98
C ALA A 205 -3.84 14.63 -7.83
N GLU A 206 -4.90 15.02 -7.14
CA GLU A 206 -5.16 16.43 -6.85
C GLU A 206 -4.21 16.89 -5.77
N MET A 207 -3.96 16.02 -4.80
CA MET A 207 -2.99 16.33 -3.74
C MET A 207 -1.61 16.66 -4.36
N LEU A 208 -1.22 15.90 -5.36
CA LEU A 208 0.06 16.03 -5.97
C LEU A 208 0.18 17.36 -6.71
N MET A 209 -0.87 17.72 -7.41
CA MET A 209 -0.88 18.96 -8.13
C MET A 209 -0.89 20.18 -7.25
N SER A 210 -1.61 20.10 -6.16
CA SER A 210 -1.59 21.19 -5.20
C SER A 210 -0.17 21.38 -4.67
N TRP A 211 0.41 20.30 -4.13
CA TRP A 211 1.81 20.29 -3.74
C TRP A 211 2.75 20.87 -4.78
N ARG A 212 2.61 20.45 -6.01
CA ARG A 212 3.48 20.93 -7.04
C ARG A 212 3.35 22.41 -7.34
N VAL A 213 2.12 22.96 -7.32
CA VAL A 213 1.90 24.38 -7.62
C VAL A 213 2.34 25.22 -6.46
N ASN A 214 2.47 24.61 -5.28
CA ASN A 214 3.12 25.26 -4.16
C ASN A 214 4.59 24.90 -4.02
N ASP A 215 5.22 24.54 -5.13
CA ASP A 215 6.65 24.31 -5.21
C ASP A 215 7.21 23.24 -4.27
N HIS A 216 6.44 22.20 -4.03
CA HIS A 216 7.03 21.00 -3.48
C HIS A 216 7.44 20.08 -4.60
N LYS A 217 8.53 19.37 -4.39
CA LYS A 217 9.00 18.35 -5.32
C LYS A 217 9.09 17.01 -4.58
N PHE A 218 9.10 15.94 -5.34
CA PHE A 218 9.18 14.64 -4.80
C PHE A 218 10.55 14.07 -5.17
N THR A 219 10.72 12.77 -5.05
CA THR A 219 11.94 12.13 -5.45
C THR A 219 11.77 11.52 -6.84
N PRO A 220 12.89 11.19 -7.49
CA PRO A 220 12.80 10.64 -8.84
C PRO A 220 11.98 9.36 -8.86
N LEU A 221 12.11 8.56 -7.81
CA LEU A 221 11.38 7.30 -7.72
C LEU A 221 9.87 7.55 -7.61
N LEU A 222 9.47 8.48 -6.73
CA LEU A 222 8.05 8.83 -6.57
C LEU A 222 7.54 9.44 -7.84
N GLU A 223 8.35 10.26 -8.48
CA GLU A 223 7.97 10.95 -9.70
C GLU A 223 7.64 9.93 -10.81
N GLU A 224 8.40 8.88 -10.88
CA GLU A 224 8.12 7.77 -11.79
C GLU A 224 6.82 7.02 -11.46
N ILE A 225 6.75 6.49 -10.24
CA ILE A 225 5.70 5.55 -9.89
C ILE A 225 4.37 6.26 -9.81
N TRP A 226 4.40 7.53 -9.39
CA TRP A 226 3.20 8.37 -9.37
C TRP A 226 2.97 9.13 -10.65
N ASP A 227 3.82 8.95 -11.65
CA ASP A 227 3.66 9.69 -12.89
C ASP A 227 3.67 11.22 -12.77
N VAL A 228 4.55 11.77 -11.98
CA VAL A 228 4.59 13.22 -11.87
C VAL A 228 5.19 13.75 -13.17
N GLN A 229 4.31 14.22 -14.05
CA GLN A 229 4.64 14.64 -15.42
C GLN A 229 5.78 13.86 -16.09
N ASP B 1 9.85 7.39 -17.42
CA ASP B 1 9.16 6.23 -16.78
C ASP B 1 10.01 4.96 -16.84
N HIS B 2 9.61 3.95 -16.08
CA HIS B 2 10.23 2.62 -16.07
C HIS B 2 11.63 2.60 -15.51
N GLN B 3 12.50 3.49 -15.96
CA GLN B 3 13.95 3.39 -15.72
C GLN B 3 14.31 2.90 -14.33
N LEU B 4 13.86 3.61 -13.31
CA LEU B 4 14.18 3.28 -11.92
C LEU B 4 13.38 2.10 -11.37
N LEU B 5 12.16 1.91 -11.86
CA LEU B 5 11.36 0.73 -11.49
C LEU B 5 12.01 -0.58 -11.99
N ARG B 6 12.35 -0.58 -13.28
CA ARG B 6 13.17 -1.62 -13.90
C ARG B 6 14.39 -1.98 -13.06
N TYR B 7 15.12 -0.94 -12.71
CA TYR B 7 16.37 -1.09 -11.99
C TYR B 7 16.14 -1.80 -10.64
N LEU B 8 15.03 -1.50 -9.99
CA LEU B 8 14.71 -2.13 -8.70
C LEU B 8 14.25 -3.57 -8.91
N LEU B 9 13.48 -3.79 -9.96
CA LEU B 9 13.06 -5.15 -10.34
C LEU B 9 14.23 -6.14 -10.56
N ASP B 10 15.35 -5.66 -11.11
CA ASP B 10 16.53 -6.50 -11.37
C ASP B 10 17.53 -6.37 -10.21
N LYS B 11 17.70 -7.46 -9.45
CA LYS B 11 18.56 -7.50 -8.24
C LYS B 11 18.54 -8.91 -7.63
S SO4 C . 4.25 25.81 10.89
O1 SO4 C . 3.15 25.31 11.75
O2 SO4 C . 5.55 25.79 11.62
O3 SO4 C . 4.36 25.01 9.65
O4 SO4 C . 3.98 27.19 10.47
S SO4 D . -18.41 -15.29 0.88
O1 SO4 D . -19.06 -16.38 1.68
O2 SO4 D . -17.17 -14.93 1.57
O3 SO4 D . -19.28 -14.11 0.77
O4 SO4 D . -18.10 -15.70 -0.52
S SO4 E . 17.15 -1.48 11.02
O1 SO4 E . 18.25 -2.48 10.98
O2 SO4 E . 16.64 -1.28 12.39
O3 SO4 E . 16.03 -1.97 10.17
O4 SO4 E . 17.78 -0.20 10.57
S SO4 F . -2.53 -9.71 14.56
O1 SO4 F . -3.55 -10.07 15.57
O2 SO4 F . -1.32 -9.18 15.26
O3 SO4 F . -2.13 -10.90 13.72
O4 SO4 F . -3.12 -8.65 13.73
O4 9R3 G . 7.71 -0.48 8.66
C29 9R3 G . 7.66 0.52 9.39
O3 9R3 G . 8.08 0.46 10.57
C27 9R3 G . 7.07 1.78 8.84
C26 9R3 G . 6.90 2.87 9.70
C25 9R3 G . 6.34 4.06 9.27
C23 9R3 G . 5.95 4.19 7.97
N3 9R3 G . 5.34 5.24 7.36
C28 9R3 G . 6.66 1.90 7.51
C24 9R3 G . 6.11 3.12 7.09
S1 9R3 G . 5.58 3.43 5.54
C21 9R3 G . 5.11 4.98 6.04
N2 9R3 G . 4.61 5.88 5.18
C16 9R3 G . 4.12 7.14 5.74
C18 9R3 G . 4.73 5.57 3.75
C17 9R3 G . 3.67 6.34 2.99
C20 9R3 G . 2.31 5.73 3.33
C22 9R3 G . 1.30 6.75 3.78
C19 9R3 G . 1.79 7.56 4.95
C14 9R3 G . 3.28 7.93 4.76
C15 9R3 G . 3.82 7.79 3.33
O2 9R3 G . 3.12 8.53 2.34
C6 9R3 G . 3.12 9.92 2.55
C2 9R3 G . 2.53 10.56 1.33
C1 9R3 G . 3.18 11.50 0.42
C4 9R3 G . 4.52 12.11 0.32
C8 9R3 G . 4.47 13.63 0.43
C7 9R3 G . 4.82 12.98 -0.90
O1 9R3 G . 2.25 11.83 -0.47
C3 9R3 G . 1.17 10.43 0.78
N1 9R3 G . 1.07 11.24 -0.29
C5 9R3 G . 0.12 9.54 1.39
C13 9R3 G . -0.55 9.95 2.54
CL1 9R3 G . -0.19 11.58 3.19
C12 9R3 G . -1.51 9.14 3.11
C11 9R3 G . -1.74 7.88 2.53
C10 9R3 G . -1.06 7.46 1.39
C9 9R3 G . -0.16 8.30 0.81
CL2 9R3 G . 0.72 7.78 -0.64
S SO4 H . 20.44 0.42 -4.51
O1 SO4 H . 20.92 -0.97 -4.27
O2 SO4 H . 20.75 1.22 -3.29
O3 SO4 H . 18.98 0.39 -4.80
O4 SO4 H . 21.15 1.00 -5.69
#